data_7D1D
#
_entry.id   7D1D
#
_cell.length_a   41.302
_cell.length_b   78.536
_cell.length_c   49.221
_cell.angle_alpha   90.000
_cell.angle_beta   114.510
_cell.angle_gamma   90.000
#
_symmetry.space_group_name_H-M   'P 1 21 1'
#
loop_
_entity.id
_entity.type
_entity.pdbx_description
1 polymer 'Glutamine cyclotransferase'
2 non-polymer 'ZINC ION'
3 non-polymer 1-BENZYL-1H-IMIDAZOLE
4 water water
#
_entity_poly.entity_id   1
_entity_poly.type   'polypeptide(L)'
_entity_poly.pdbx_seq_one_letter_code
;GGGKATGTNEQSEKVVVNVPQFDADSAYLYVKNQVDFGPRVPNTKEHVACGNYLAGKLEAFGAKVTNQYADLIAYDGTLL
KARNIIGSYKPESKKRIALFAHWDTRPWADNDADEKNHHTPILGANDGASGVGALLEIARLVNQQQPELGIDIIFLDAED
YGTPQFYEGKHKEEAWCLGSQYWSRNPHVQGYNARFGILLDMVGGENSVFLKEGYSEEFAPDINKKVWKAAKKAGYGKTF
IDERGDTITDDHLFINRLARIKTIDIIPNDPETGFPPTWHTIHDNMDHIDKNTLKAVGQTVLEVIYNEK
;
_entity_poly.pdbx_strand_id   A
#
loop_
_chem_comp.id
_chem_comp.type
_chem_comp.name
_chem_comp.formula
1BN non-polymer 1-BENZYL-1H-IMIDAZOLE 'C10 H10 N2'
ZN non-polymer 'ZINC ION' 'Zn 2'
#
# COMPACT_ATOMS: atom_id res chain seq x y z
N VAL A 16 -22.60 17.71 -7.64
CA VAL A 16 -22.38 16.81 -8.81
C VAL A 16 -22.24 15.36 -8.35
N VAL A 17 -21.28 15.10 -7.46
CA VAL A 17 -21.10 13.77 -6.88
C VAL A 17 -20.86 13.86 -5.35
N ASN A 18 -21.60 13.06 -4.60
CA ASN A 18 -21.44 12.98 -3.16
C ASN A 18 -20.36 11.93 -2.88
N VAL A 19 -19.18 12.41 -2.48
CA VAL A 19 -18.07 11.55 -2.14
C VAL A 19 -18.32 11.05 -0.71
N PRO A 20 -18.28 9.73 -0.47
CA PRO A 20 -18.46 9.23 0.90
C PRO A 20 -17.37 9.76 1.84
N GLN A 21 -17.70 9.79 3.12
CA GLN A 21 -16.77 10.27 4.15
C GLN A 21 -16.02 9.08 4.74
N PHE A 22 -14.72 9.06 4.52
CA PHE A 22 -13.82 8.10 5.14
C PHE A 22 -13.91 8.16 6.67
N ASP A 23 -14.19 7.02 7.30
CA ASP A 23 -14.24 6.95 8.76
C ASP A 23 -12.86 6.60 9.32
N ALA A 24 -12.19 7.59 9.88
CA ALA A 24 -10.83 7.42 10.42
C ALA A 24 -10.76 6.42 11.58
N ASP A 25 -11.78 6.36 12.42
CA ASP A 25 -11.81 5.42 13.53
C ASP A 25 -11.91 3.98 13.02
N SER A 26 -12.72 3.80 11.97
CA SER A 26 -12.88 2.48 11.36
C SER A 26 -11.55 2.02 10.75
N ALA A 27 -10.92 2.88 9.95
CA ALA A 27 -9.63 2.58 9.32
C ALA A 27 -8.56 2.27 10.37
N TYR A 28 -8.53 3.08 11.45
CA TYR A 28 -7.56 2.88 12.53
C TYR A 28 -7.67 1.48 13.13
N LEU A 29 -8.91 1.04 13.33
CA LEU A 29 -9.14 -0.31 13.86
C LEU A 29 -8.66 -1.40 12.90
N TYR A 30 -8.83 -1.22 11.60
CA TYR A 30 -8.30 -2.23 10.63
C TYR A 30 -6.78 -2.30 10.67
N VAL A 31 -6.14 -1.15 10.89
CA VAL A 31 -4.69 -1.08 11.11
C VAL A 31 -4.29 -1.86 12.37
N LYS A 32 -4.93 -1.54 13.49
CA LYS A 32 -4.64 -2.21 14.75
C LYS A 32 -4.90 -3.73 14.69
N ASN A 33 -5.97 -4.15 14.01
CA ASN A 33 -6.28 -5.59 13.87
C ASN A 33 -5.15 -6.37 13.19
N GLN A 34 -4.55 -5.79 12.16
CA GLN A 34 -3.39 -6.43 11.52
C GLN A 34 -2.20 -6.53 12.46
N VAL A 35 -1.90 -5.43 13.13
CA VAL A 35 -0.79 -5.39 14.09
C VAL A 35 -0.98 -6.38 15.25
N ASP A 36 -2.24 -6.60 15.64
CA ASP A 36 -2.57 -7.52 16.73
C ASP A 36 -2.27 -9.00 16.43
N PHE A 37 -2.04 -9.36 15.15
CA PHE A 37 -1.54 -10.68 14.79
C PHE A 37 -0.07 -10.88 15.16
N GLY A 38 0.66 -9.79 15.41
CA GLY A 38 2.11 -9.83 15.47
C GLY A 38 2.64 -9.54 14.08
N PRO A 39 3.98 -9.65 13.89
CA PRO A 39 4.62 -9.43 12.57
C PRO A 39 4.03 -10.33 11.48
N ARG A 40 3.72 -9.77 10.31
CA ARG A 40 3.21 -10.56 9.18
C ARG A 40 4.39 -10.94 8.27
N VAL A 41 5.31 -11.75 8.80
CA VAL A 41 6.49 -12.16 8.05
C VAL A 41 6.08 -13.36 7.20
N PRO A 42 6.34 -13.31 5.88
CA PRO A 42 6.04 -14.48 5.04
C PRO A 42 6.60 -15.78 5.63
N ASN A 43 5.80 -16.85 5.50
CA ASN A 43 6.09 -18.21 6.02
C ASN A 43 5.80 -18.42 7.52
N THR A 44 5.21 -17.43 8.19
CA THR A 44 4.78 -17.59 9.58
C THR A 44 3.26 -17.78 9.64
N LYS A 45 2.78 -18.43 10.72
CA LYS A 45 1.35 -18.60 10.97
C LYS A 45 0.63 -17.25 11.12
N GLU A 46 1.34 -16.24 11.63
CA GLU A 46 0.76 -14.88 11.79
C GLU A 46 0.43 -14.26 10.43
N HIS A 47 1.34 -14.44 9.47
CA HIS A 47 1.13 -14.03 8.08
C HIS A 47 -0.06 -14.77 7.46
N VAL A 48 -0.12 -16.09 7.63
CA VAL A 48 -1.22 -16.88 7.10
C VAL A 48 -2.56 -16.39 7.69
N ALA A 49 -2.61 -16.20 9.02
CA ALA A 49 -3.83 -15.73 9.70
C ALA A 49 -4.27 -14.35 9.24
N CYS A 50 -3.31 -13.43 9.14
CA CYS A 50 -3.63 -12.08 8.65
C CYS A 50 -4.15 -12.10 7.22
N GLY A 51 -3.54 -12.88 6.34
CA GLY A 51 -4.02 -13.04 4.97
C GLY A 51 -5.49 -13.49 4.93
N ASN A 52 -5.81 -14.49 5.75
CA ASN A 52 -7.19 -14.98 5.86
C ASN A 52 -8.16 -13.90 6.36
N TYR A 53 -7.70 -13.10 7.32
CA TYR A 53 -8.45 -11.97 7.84
C TYR A 53 -8.73 -10.93 6.75
N LEU A 54 -7.71 -10.57 5.97
CA LEU A 54 -7.85 -9.54 4.95
C LEU A 54 -8.75 -9.98 3.80
N ALA A 55 -8.55 -11.21 3.31
CA ALA A 55 -9.38 -11.76 2.24
C ALA A 55 -10.84 -11.88 2.69
N GLY A 56 -11.03 -12.35 3.92
CA GLY A 56 -12.35 -12.45 4.53
C GLY A 56 -13.07 -11.12 4.68
N LYS A 57 -12.33 -10.10 5.09
CA LYS A 57 -12.87 -8.77 5.26
C LYS A 57 -13.34 -8.17 3.92
N LEU A 58 -12.52 -8.32 2.88
CA LEU A 58 -12.91 -7.86 1.56
C LEU A 58 -14.19 -8.55 1.07
N GLU A 59 -14.28 -9.86 1.29
CA GLU A 59 -15.44 -10.62 0.85
C GLU A 59 -16.68 -10.19 1.66
N ALA A 60 -16.49 -9.92 2.95
CA ALA A 60 -17.58 -9.41 3.80
C ALA A 60 -18.04 -8.02 3.35
N PHE A 61 -17.13 -7.23 2.78
CA PHE A 61 -17.48 -5.93 2.19
C PHE A 61 -17.83 -6.03 0.70
N GLY A 62 -18.27 -7.19 0.25
CA GLY A 62 -18.87 -7.34 -1.06
C GLY A 62 -17.95 -7.39 -2.25
N ALA A 63 -16.63 -7.53 -2.01
CA ALA A 63 -15.68 -7.64 -3.09
C ALA A 63 -15.71 -9.05 -3.63
N LYS A 64 -15.47 -9.18 -4.93
CA LYS A 64 -15.15 -10.47 -5.52
C LYS A 64 -13.66 -10.69 -5.30
N VAL A 65 -13.30 -11.70 -4.53
CA VAL A 65 -11.91 -11.91 -4.09
C VAL A 65 -11.23 -12.98 -4.93
N THR A 66 -10.06 -12.62 -5.47
CA THR A 66 -9.15 -13.54 -6.17
C THR A 66 -7.88 -13.61 -5.35
N ASN A 67 -7.47 -14.84 -5.03
CA ASN A 67 -6.21 -15.07 -4.32
C ASN A 67 -5.18 -15.51 -5.31
N GLN A 68 -4.02 -14.91 -5.22
CA GLN A 68 -2.91 -15.28 -6.05
C GLN A 68 -1.81 -15.82 -5.14
N TYR A 69 -1.79 -17.14 -4.99
CA TYR A 69 -0.78 -17.81 -4.20
C TYR A 69 0.43 -18.08 -5.08
N ALA A 70 1.61 -17.64 -4.67
CA ALA A 70 2.82 -17.82 -5.50
C ALA A 70 4.02 -18.17 -4.64
N ASP A 71 4.88 -19.03 -5.18
CA ASP A 71 6.14 -19.40 -4.54
C ASP A 71 7.19 -18.41 -5.02
N LEU A 72 7.49 -17.41 -4.21
CA LEU A 72 8.41 -16.35 -4.60
C LEU A 72 9.77 -16.58 -3.97
N ILE A 73 10.83 -16.35 -4.74
CA ILE A 73 12.18 -16.60 -4.27
C ILE A 73 12.85 -15.29 -3.89
N ALA A 74 13.24 -15.21 -2.61
CA ALA A 74 13.87 -14.03 -2.04
C ALA A 74 15.35 -13.94 -2.42
N TYR A 75 15.96 -12.81 -2.09
CA TYR A 75 17.34 -12.45 -2.45
C TYR A 75 18.38 -13.55 -2.13
N ASP A 76 18.14 -14.31 -1.09
CA ASP A 76 19.08 -15.34 -0.64
C ASP A 76 18.65 -16.77 -1.00
N GLY A 77 17.60 -16.90 -1.79
CA GLY A 77 17.06 -18.22 -2.17
C GLY A 77 15.91 -18.72 -1.32
N THR A 78 15.50 -17.98 -0.29
CA THR A 78 14.38 -18.39 0.54
C THR A 78 13.10 -18.40 -0.28
N LEU A 79 12.36 -19.51 -0.22
CA LEU A 79 11.05 -19.59 -0.85
C LEU A 79 10.04 -18.95 0.09
N LEU A 80 9.30 -17.97 -0.41
CA LEU A 80 8.23 -17.31 0.33
C LEU A 80 6.88 -17.85 -0.16
N LYS A 81 6.09 -18.39 0.76
CA LYS A 81 4.71 -18.79 0.48
C LYS A 81 3.82 -17.53 0.48
N ALA A 82 3.76 -16.88 -0.67
CA ALA A 82 3.14 -15.58 -0.81
C ALA A 82 1.70 -15.67 -1.27
N ARG A 83 0.93 -14.64 -0.93
CA ARG A 83 -0.48 -14.54 -1.29
C ARG A 83 -0.81 -13.08 -1.57
N ASN A 84 -0.95 -12.74 -2.84
CA ASN A 84 -1.57 -11.46 -3.22
C ASN A 84 -3.08 -11.65 -3.11
N ILE A 85 -3.76 -10.61 -2.63
CA ILE A 85 -5.21 -10.68 -2.41
C ILE A 85 -5.82 -9.56 -3.22
N ILE A 86 -6.74 -9.90 -4.13
CA ILE A 86 -7.42 -8.92 -4.97
C ILE A 86 -8.91 -8.92 -4.67
N GLY A 87 -9.46 -7.78 -4.28
CA GLY A 87 -10.91 -7.61 -4.09
C GLY A 87 -11.44 -6.68 -5.16
N SER A 88 -12.39 -7.14 -5.96
CA SER A 88 -12.85 -6.43 -7.14
C SER A 88 -14.31 -6.02 -7.00
N TYR A 89 -14.57 -4.75 -7.32
CA TYR A 89 -15.91 -4.17 -7.36
C TYR A 89 -16.31 -3.91 -8.82
N LYS A 90 -17.60 -4.08 -9.12
CA LYS A 90 -18.09 -4.04 -10.52
C LYS A 90 -17.13 -4.86 -11.42
N PRO A 91 -16.94 -6.16 -11.10
CA PRO A 91 -15.91 -6.95 -11.79
C PRO A 91 -16.04 -7.04 -13.30
N GLU A 92 -17.24 -6.86 -13.85
CA GLU A 92 -17.42 -6.91 -15.29
C GLU A 92 -17.10 -5.61 -16.01
N SER A 93 -16.96 -4.48 -15.28
CA SER A 93 -16.55 -3.23 -15.93
C SER A 93 -15.13 -3.34 -16.48
N LYS A 94 -14.93 -2.83 -17.70
CA LYS A 94 -13.62 -2.77 -18.33
C LYS A 94 -12.89 -1.47 -18.00
N LYS A 95 -13.57 -0.52 -17.35
CA LYS A 95 -13.01 0.78 -17.00
C LYS A 95 -12.76 0.76 -15.49
N ARG A 96 -11.48 0.71 -15.09
CA ARG A 96 -11.12 0.39 -13.72
C ARG A 96 -10.04 1.27 -13.15
N ILE A 97 -10.01 1.34 -11.82
CA ILE A 97 -8.94 2.01 -11.06
C ILE A 97 -8.37 0.98 -10.11
N ALA A 98 -7.04 0.82 -10.10
CA ALA A 98 -6.40 -0.13 -9.18
C ALA A 98 -5.83 0.60 -7.96
N LEU A 99 -6.12 0.09 -6.76
CA LEU A 99 -5.59 0.63 -5.51
C LEU A 99 -4.77 -0.46 -4.82
N PHE A 100 -3.51 -0.14 -4.51
CA PHE A 100 -2.53 -1.10 -4.02
C PHE A 100 -2.00 -0.73 -2.62
N ALA A 101 -1.67 -1.75 -1.84
CA ALA A 101 -0.90 -1.60 -0.59
C ALA A 101 -0.21 -2.92 -0.31
N HIS A 102 1.03 -2.89 0.17
CA HIS A 102 1.69 -4.13 0.62
C HIS A 102 1.22 -4.50 2.02
N TRP A 103 1.07 -5.81 2.29
CA TRP A 103 0.53 -6.27 3.56
C TRP A 103 1.50 -7.10 4.43
N ASP A 104 2.59 -7.57 3.83
CA ASP A 104 3.64 -8.24 4.59
C ASP A 104 4.42 -7.23 5.42
N THR A 105 5.13 -7.72 6.42
CA THR A 105 6.00 -6.85 7.20
C THR A 105 7.43 -7.35 7.15
N ARG A 106 8.37 -6.44 7.37
CA ARG A 106 9.79 -6.73 7.20
C ARG A 106 10.34 -7.59 8.34
N PRO A 107 11.09 -8.66 8.01
CA PRO A 107 11.53 -9.54 9.10
C PRO A 107 12.72 -9.05 9.93
N TRP A 108 13.32 -7.93 9.55
CA TRP A 108 14.47 -7.36 10.25
C TRP A 108 14.25 -5.88 10.48
N ALA A 109 14.45 -5.41 11.70
CA ALA A 109 14.46 -3.97 11.98
C ALA A 109 15.86 -3.41 11.65
N ASP A 110 16.24 -3.51 10.39
CA ASP A 110 17.62 -3.26 9.97
C ASP A 110 18.02 -1.79 9.86
N ASN A 111 17.07 -0.87 10.08
CA ASN A 111 17.40 0.54 10.27
C ASN A 111 17.32 1.01 11.72
N ASP A 112 17.20 0.09 12.66
CA ASP A 112 17.08 0.46 14.06
C ASP A 112 18.34 1.16 14.56
N ALA A 113 18.16 2.10 15.47
CA ALA A 113 19.29 2.82 16.07
C ALA A 113 20.19 1.86 16.87
N ASP A 114 19.62 0.77 17.42
CA ASP A 114 20.39 -0.21 18.18
C ASP A 114 20.59 -1.51 17.39
N GLU A 115 21.86 -1.83 17.12
CA GLU A 115 22.31 -2.98 16.37
C GLU A 115 21.73 -4.31 16.89
N LYS A 116 21.51 -4.41 18.20
CA LYS A 116 20.98 -5.66 18.74
C LYS A 116 19.57 -5.99 18.24
N ASN A 117 18.86 -4.99 17.71
CA ASN A 117 17.51 -5.19 17.13
C ASN A 117 17.47 -5.49 15.63
N HIS A 118 18.64 -5.52 14.97
CA HIS A 118 18.69 -5.60 13.49
C HIS A 118 18.18 -6.91 12.89
N HIS A 119 17.99 -7.93 13.71
CA HIS A 119 17.43 -9.21 13.26
C HIS A 119 16.03 -9.49 13.82
N THR A 120 15.37 -8.47 14.36
CA THR A 120 14.05 -8.63 14.97
C THR A 120 12.99 -8.13 14.01
N PRO A 121 11.92 -8.92 13.77
CA PRO A 121 10.83 -8.45 12.91
C PRO A 121 10.12 -7.24 13.49
N ILE A 122 9.73 -6.32 12.61
CA ILE A 122 8.98 -5.12 12.98
C ILE A 122 7.48 -5.41 13.03
N LEU A 123 6.73 -4.58 13.73
CA LEU A 123 5.27 -4.73 13.74
C LEU A 123 4.61 -4.17 12.48
N GLY A 124 5.29 -3.27 11.79
CA GLY A 124 4.82 -2.69 10.53
C GLY A 124 3.43 -2.07 10.61
N ALA A 125 3.19 -1.29 11.66
CA ALA A 125 1.92 -0.56 11.79
C ALA A 125 1.76 0.45 10.65
N ASN A 126 2.79 1.23 10.41
CA ASN A 126 2.77 2.19 9.33
C ASN A 126 3.18 1.52 8.02
N ASP A 127 4.30 0.81 8.06
CA ASP A 127 4.89 0.11 6.91
C ASP A 127 4.24 -1.28 6.78
N GLY A 128 3.11 -1.32 6.09
CA GLY A 128 2.28 -2.51 5.92
C GLY A 128 0.83 -2.21 6.28
N ALA A 129 0.57 -2.14 7.57
CA ALA A 129 -0.82 -2.13 8.03
C ALA A 129 -1.59 -0.86 7.64
N SER A 130 -0.91 0.29 7.59
CA SER A 130 -1.60 1.56 7.33
C SER A 130 -2.31 1.60 5.96
N GLY A 131 -1.57 1.27 4.91
CA GLY A 131 -2.12 1.24 3.57
C GLY A 131 -3.27 0.27 3.41
N VAL A 132 -3.10 -0.91 3.98
CA VAL A 132 -4.13 -1.96 3.92
C VAL A 132 -5.39 -1.51 4.68
N GLY A 133 -5.21 -0.96 5.87
CA GLY A 133 -6.34 -0.48 6.70
C GLY A 133 -7.13 0.63 6.05
N ALA A 134 -6.41 1.57 5.46
CA ALA A 134 -7.05 2.61 4.67
C ALA A 134 -7.86 2.05 3.49
N LEU A 135 -7.32 1.07 2.79
CA LEU A 135 -8.01 0.45 1.67
C LEU A 135 -9.21 -0.41 2.08
N LEU A 136 -9.15 -1.04 3.24
CA LEU A 136 -10.31 -1.74 3.79
C LEU A 136 -11.47 -0.79 4.06
N GLU A 137 -11.17 0.38 4.62
CA GLU A 137 -12.19 1.38 4.85
C GLU A 137 -12.74 1.91 3.51
N ILE A 138 -11.87 2.13 2.52
CA ILE A 138 -12.33 2.51 1.17
C ILE A 138 -13.25 1.42 0.60
N ALA A 139 -12.85 0.15 0.73
CA ALA A 139 -13.64 -1.01 0.24
C ALA A 139 -15.05 -1.03 0.84
N ARG A 140 -15.15 -0.78 2.15
CA ARG A 140 -16.43 -0.70 2.87
C ARG A 140 -17.34 0.35 2.25
N LEU A 141 -16.77 1.50 1.90
CA LEU A 141 -17.54 2.62 1.34
C LEU A 141 -17.90 2.43 -0.13
N VAL A 142 -16.98 1.88 -0.91
CA VAL A 142 -17.20 1.54 -2.32
C VAL A 142 -18.36 0.55 -2.49
N ASN A 143 -18.47 -0.36 -1.53
CA ASN A 143 -19.56 -1.33 -1.48
C ASN A 143 -20.88 -0.64 -1.27
N GLN A 144 -20.88 0.31 -0.34
CA GLN A 144 -22.11 1.00 0.08
C GLN A 144 -22.62 1.96 -1.02
N GLN A 145 -21.74 2.73 -1.65
CA GLN A 145 -22.10 3.48 -2.88
C GLN A 145 -20.96 3.40 -3.88
N GLN A 146 -21.20 2.75 -5.01
CA GLN A 146 -20.12 2.47 -5.96
C GLN A 146 -19.80 3.74 -6.75
N PRO A 147 -18.50 3.98 -7.02
CA PRO A 147 -18.19 5.00 -8.02
C PRO A 147 -18.53 4.48 -9.43
N GLU A 148 -18.36 5.35 -10.43
CA GLU A 148 -18.64 5.00 -11.82
C GLU A 148 -17.72 3.89 -12.33
N LEU A 149 -16.43 3.99 -12.01
CA LEU A 149 -15.45 3.02 -12.46
C LEU A 149 -15.42 1.79 -11.53
N GLY A 150 -14.97 0.66 -12.08
CA GLY A 150 -14.76 -0.55 -11.30
C GLY A 150 -13.50 -0.34 -10.47
N ILE A 151 -13.53 -0.76 -9.21
CA ILE A 151 -12.38 -0.59 -8.30
C ILE A 151 -11.78 -1.94 -7.93
N ASP A 152 -10.47 -2.06 -8.06
CA ASP A 152 -9.74 -3.22 -7.53
C ASP A 152 -8.89 -2.79 -6.34
N ILE A 153 -9.08 -3.49 -5.23
CA ILE A 153 -8.27 -3.35 -4.03
C ILE A 153 -7.29 -4.51 -4.04
N ILE A 154 -6.00 -4.20 -4.11
CA ILE A 154 -4.96 -5.21 -4.31
C ILE A 154 -3.94 -5.13 -3.17
N PHE A 155 -3.95 -6.15 -2.33
CA PHE A 155 -3.00 -6.28 -1.23
C PHE A 155 -1.83 -7.13 -1.71
N LEU A 156 -0.66 -6.50 -1.80
CA LEU A 156 0.54 -7.11 -2.36
C LEU A 156 1.39 -7.75 -1.28
N ASP A 157 1.78 -9.00 -1.48
CA ASP A 157 2.68 -9.69 -0.53
C ASP A 157 4.13 -9.47 -0.86
N ALA A 158 5.01 -9.82 0.08
CA ALA A 158 6.46 -9.93 -0.13
C ALA A 158 7.13 -8.68 -0.73
N GLU A 159 6.64 -7.50 -0.34
CA GLU A 159 7.27 -6.24 -0.73
C GLU A 159 8.57 -6.03 0.03
N ASP A 160 8.58 -6.44 1.30
CA ASP A 160 9.55 -5.94 2.28
C ASP A 160 10.52 -7.01 2.77
N TYR A 161 10.78 -8.00 1.93
CA TYR A 161 11.76 -9.04 2.21
C TYR A 161 13.05 -8.78 1.41
N GLY A 162 13.27 -7.54 1.00
CA GLY A 162 14.47 -7.16 0.29
C GLY A 162 15.73 -7.26 1.14
N THR A 163 16.86 -7.28 0.47
CA THR A 163 18.17 -7.49 1.08
C THR A 163 18.38 -6.67 2.35
N PRO A 164 18.75 -7.31 3.48
CA PRO A 164 19.05 -6.52 4.69
C PRO A 164 20.21 -5.57 4.49
N GLN A 165 20.16 -4.42 5.16
CA GLN A 165 21.27 -3.47 5.17
C GLN A 165 22.59 -4.08 5.62
N PHE A 166 22.53 -5.04 6.53
CA PHE A 166 23.73 -5.72 7.04
C PHE A 166 24.33 -6.76 6.08
N TYR A 167 23.64 -7.07 4.99
CA TYR A 167 24.09 -8.12 4.06
C TYR A 167 25.27 -7.65 3.21
N GLU A 168 26.30 -8.49 3.14
CA GLU A 168 27.50 -8.22 2.35
C GLU A 168 27.28 -8.97 1.05
N GLY A 169 27.19 -8.25 -0.06
CA GLY A 169 26.93 -8.88 -1.36
C GLY A 169 26.15 -7.98 -2.29
N LYS A 170 25.57 -8.60 -3.31
CA LYS A 170 24.74 -7.88 -4.29
C LYS A 170 23.47 -7.39 -3.60
N HIS A 171 23.12 -6.12 -3.77
CA HIS A 171 21.83 -5.58 -3.35
C HIS A 171 21.05 -5.24 -4.60
N LYS A 172 20.23 -6.18 -5.06
CA LYS A 172 19.51 -5.99 -6.32
C LYS A 172 18.17 -5.33 -6.05
N GLU A 173 17.85 -4.35 -6.88
CA GLU A 173 16.54 -3.68 -6.89
C GLU A 173 15.37 -4.69 -6.90
N GLU A 174 15.54 -5.78 -7.65
CA GLU A 174 14.46 -6.75 -7.90
C GLU A 174 14.24 -7.70 -6.72
N ALA A 175 15.07 -7.61 -5.67
CA ALA A 175 14.85 -8.36 -4.42
C ALA A 175 13.61 -7.86 -3.65
N TRP A 176 13.26 -6.61 -3.90
CA TRP A 176 12.10 -5.94 -3.31
C TRP A 176 10.87 -6.18 -4.14
N CYS A 177 9.69 -5.98 -3.54
CA CYS A 177 8.45 -5.90 -4.33
C CYS A 177 8.21 -7.17 -5.14
N LEU A 178 8.37 -8.32 -4.51
CA LEU A 178 8.22 -9.60 -5.19
C LEU A 178 6.76 -9.87 -5.57
N GLY A 179 5.82 -9.51 -4.71
CA GLY A 179 4.40 -9.71 -5.00
C GLY A 179 3.89 -8.85 -6.14
N SER A 180 4.32 -7.58 -6.19
CA SER A 180 3.91 -6.69 -7.29
C SER A 180 4.55 -7.11 -8.59
N GLN A 181 5.81 -7.56 -8.55
CA GLN A 181 6.43 -8.12 -9.74
C GLN A 181 5.64 -9.32 -10.27
N TYR A 182 5.27 -10.22 -9.37
CA TYR A 182 4.49 -11.39 -9.75
C TYR A 182 3.13 -11.01 -10.36
N TRP A 183 2.39 -10.16 -9.65
CA TRP A 183 1.10 -9.66 -10.13
C TRP A 183 1.21 -8.93 -11.46
N SER A 184 2.25 -8.12 -11.62
CA SER A 184 2.43 -7.36 -12.84
C SER A 184 2.70 -8.24 -14.06
N ARG A 185 3.40 -9.35 -13.86
CA ARG A 185 3.66 -10.33 -14.92
C ARG A 185 2.53 -11.33 -15.09
N ASN A 186 1.71 -11.51 -14.06
CA ASN A 186 0.66 -12.52 -14.02
C ASN A 186 -0.61 -11.91 -13.45
N PRO A 187 -1.34 -11.11 -14.25
CA PRO A 187 -2.53 -10.48 -13.70
C PRO A 187 -3.56 -11.51 -13.23
N HIS A 188 -4.33 -11.12 -12.23
CA HIS A 188 -5.39 -11.96 -11.67
C HIS A 188 -6.50 -12.33 -12.65
N VAL A 189 -6.67 -11.57 -13.72
CA VAL A 189 -7.58 -11.92 -14.80
C VAL A 189 -6.90 -11.59 -16.13
N GLN A 190 -7.07 -12.44 -17.13
CA GLN A 190 -6.43 -12.24 -18.44
C GLN A 190 -6.95 -10.97 -19.08
N GLY A 191 -6.06 -10.17 -19.64
CA GLY A 191 -6.44 -8.93 -20.28
C GLY A 191 -6.76 -7.80 -19.31
N TYR A 192 -6.30 -7.92 -18.07
CA TYR A 192 -6.57 -6.91 -17.05
C TYR A 192 -6.06 -5.54 -17.51
N ASN A 193 -6.92 -4.53 -17.41
CA ASN A 193 -6.56 -3.13 -17.63
C ASN A 193 -7.10 -2.26 -16.51
N ALA A 194 -6.36 -1.20 -16.21
CA ALA A 194 -6.86 -0.12 -15.36
C ALA A 194 -6.44 1.18 -15.97
N ARG A 195 -7.27 2.19 -15.79
CA ARG A 195 -6.98 3.53 -16.26
C ARG A 195 -5.74 4.08 -15.57
N PHE A 196 -5.69 3.90 -14.26
CA PHE A 196 -4.49 4.22 -13.50
C PHE A 196 -4.54 3.49 -12.17
N GLY A 197 -3.44 3.60 -11.43
CA GLY A 197 -3.30 2.98 -10.13
C GLY A 197 -2.81 3.95 -9.08
N ILE A 198 -3.14 3.68 -7.83
CA ILE A 198 -2.60 4.41 -6.68
C ILE A 198 -2.09 3.39 -5.68
N LEU A 199 -0.84 3.56 -5.27
CA LEU A 199 -0.24 2.75 -4.21
C LEU A 199 -0.16 3.58 -2.95
N LEU A 200 -0.60 3.00 -1.83
CA LEU A 200 -0.50 3.62 -0.52
C LEU A 200 0.61 2.92 0.25
N ASP A 201 1.58 3.68 0.72
CA ASP A 201 2.70 3.11 1.47
C ASP A 201 3.04 4.06 2.62
N MET A 202 2.89 3.57 3.86
CA MET A 202 3.15 4.36 5.08
C MET A 202 2.27 5.62 5.15
N VAL A 203 0.96 5.40 5.30
CA VAL A 203 -0.02 6.47 5.20
C VAL A 203 -0.73 6.69 6.53
N GLY A 204 -0.11 6.27 7.63
CA GLY A 204 -0.70 6.46 8.97
C GLY A 204 0.14 7.20 9.99
N GLY A 205 1.34 7.64 9.63
CA GLY A 205 2.28 8.20 10.60
C GLY A 205 1.90 9.58 11.08
N GLU A 206 2.07 9.80 12.38
CA GLU A 206 1.83 11.13 12.96
C GLU A 206 2.65 12.21 12.23
N ASN A 207 2.04 13.34 11.92
CA ASN A 207 2.74 14.49 11.29
C ASN A 207 3.27 14.26 9.87
N SER A 208 2.88 13.17 9.20
CA SER A 208 3.43 12.88 7.88
C SER A 208 2.84 13.84 6.85
N VAL A 209 3.67 14.23 5.89
CA VAL A 209 3.20 14.94 4.70
C VAL A 209 3.65 14.14 3.49
N PHE A 210 2.97 14.34 2.37
CA PHE A 210 3.16 13.53 1.15
C PHE A 210 3.48 14.45 -0.03
N LEU A 211 4.66 14.25 -0.62
CA LEU A 211 5.11 15.00 -1.78
C LEU A 211 4.99 14.10 -2.99
N LYS A 212 5.02 14.71 -4.16
CA LYS A 212 4.93 13.95 -5.41
C LYS A 212 6.23 13.15 -5.56
N GLU A 213 6.09 11.83 -5.70
CA GLU A 213 7.21 10.93 -5.71
C GLU A 213 7.81 10.89 -7.12
N GLY A 214 9.12 10.67 -7.20
CA GLY A 214 9.88 10.79 -8.46
C GLY A 214 9.51 9.87 -9.61
N TYR A 215 9.48 8.56 -9.37
CA TYR A 215 9.02 7.64 -10.40
C TYR A 215 7.58 7.95 -10.83
N SER A 216 6.74 8.35 -9.87
CA SER A 216 5.35 8.75 -10.15
C SER A 216 5.29 9.92 -11.11
N GLU A 217 6.19 10.87 -10.91
CA GLU A 217 6.31 12.05 -11.78
C GLU A 217 6.79 11.72 -13.18
N GLU A 218 7.64 10.72 -13.30
CA GLU A 218 8.21 10.33 -14.57
C GLU A 218 7.25 9.46 -15.38
N PHE A 219 6.60 8.48 -14.73
CA PHE A 219 5.64 7.58 -15.40
C PHE A 219 4.22 8.12 -15.52
N ALA A 220 3.77 8.92 -14.54
CA ALA A 220 2.36 9.30 -14.43
C ALA A 220 2.15 10.72 -13.86
N PRO A 221 2.78 11.74 -14.46
CA PRO A 221 2.63 13.11 -13.89
C PRO A 221 1.20 13.62 -13.89
N ASP A 222 0.40 13.20 -14.87
CA ASP A 222 -1.02 13.53 -14.96
C ASP A 222 -1.85 12.95 -13.81
N ILE A 223 -1.46 11.75 -13.36
CA ILE A 223 -2.13 11.12 -12.22
C ILE A 223 -1.71 11.79 -10.91
N ASN A 224 -0.43 12.12 -10.75
CA ASN A 224 0.00 12.93 -9.59
C ASN A 224 -0.76 14.25 -9.54
N LYS A 225 -0.90 14.89 -10.69
CA LYS A 225 -1.61 16.16 -10.74
C LYS A 225 -3.06 16.01 -10.27
N LYS A 226 -3.74 14.99 -10.79
CA LYS A 226 -5.11 14.64 -10.39
C LYS A 226 -5.24 14.44 -8.87
N VAL A 227 -4.35 13.65 -8.31
CA VAL A 227 -4.41 13.28 -6.89
C VAL A 227 -4.15 14.48 -5.98
N TRP A 228 -3.11 15.25 -6.31
CA TRP A 228 -2.77 16.41 -5.48
C TRP A 228 -3.81 17.52 -5.60
N LYS A 229 -4.38 17.68 -6.80
CA LYS A 229 -5.50 18.62 -6.98
C LYS A 229 -6.72 18.16 -6.16
N ALA A 230 -7.00 16.86 -6.17
CA ALA A 230 -8.11 16.30 -5.39
C ALA A 230 -7.90 16.55 -3.89
N ALA A 231 -6.67 16.36 -3.41
CA ALA A 231 -6.36 16.56 -2.00
C ALA A 231 -6.61 18.03 -1.63
N LYS A 232 -6.15 18.94 -2.47
CA LYS A 232 -6.31 20.39 -2.23
C LYS A 232 -7.78 20.72 -2.19
N LYS A 233 -8.52 20.22 -3.17
CA LYS A 233 -9.95 20.47 -3.27
C LYS A 233 -10.71 19.94 -2.07
N ALA A 234 -10.28 18.79 -1.51
CA ALA A 234 -10.92 18.20 -0.31
C ALA A 234 -10.42 18.73 1.04
N GLY A 235 -9.49 19.69 1.01
CA GLY A 235 -9.01 20.37 2.22
C GLY A 235 -7.79 19.75 2.85
N TYR A 236 -7.07 18.90 2.11
CA TYR A 236 -5.87 18.24 2.63
C TYR A 236 -4.60 18.75 1.96
N GLY A 237 -4.64 19.98 1.45
CA GLY A 237 -3.51 20.63 0.82
C GLY A 237 -2.32 20.85 1.74
N LYS A 238 -2.56 20.90 3.05
CA LYS A 238 -1.47 20.97 4.02
C LYS A 238 -0.78 19.63 4.26
N THR A 239 -1.42 18.54 3.85
CA THR A 239 -0.87 17.18 3.98
C THR A 239 -0.27 16.67 2.67
N PHE A 240 -0.96 16.95 1.55
CA PHE A 240 -0.46 16.64 0.21
C PHE A 240 0.19 17.89 -0.35
N ILE A 241 1.50 17.99 -0.20
CA ILE A 241 2.24 19.22 -0.52
C ILE A 241 2.57 19.18 -2.01
N ASP A 242 2.23 20.26 -2.74
CA ASP A 242 2.49 20.31 -4.19
C ASP A 242 3.97 20.65 -4.45
N GLU A 243 4.79 19.62 -4.37
CA GLU A 243 6.23 19.71 -4.46
C GLU A 243 6.74 18.30 -4.75
N ARG A 244 7.79 18.19 -5.55
CA ARG A 244 8.39 16.89 -5.86
C ARG A 244 9.30 16.46 -4.70
N GLY A 245 9.19 15.21 -4.27
CA GLY A 245 10.02 14.66 -3.20
C GLY A 245 11.09 13.71 -3.77
N ASP A 246 11.33 12.62 -3.06
CA ASP A 246 12.36 11.65 -3.47
C ASP A 246 11.85 10.64 -4.48
N THR A 247 12.80 9.98 -5.14
CA THR A 247 12.50 8.89 -6.06
C THR A 247 12.69 7.60 -5.29
N ILE A 248 11.64 6.79 -5.21
CA ILE A 248 11.59 5.67 -4.27
C ILE A 248 11.30 4.36 -4.99
N THR A 249 12.16 3.37 -4.79
CA THR A 249 11.90 2.02 -5.24
C THR A 249 10.74 1.47 -4.41
N ASP A 250 9.63 1.19 -5.06
CA ASP A 250 8.44 0.71 -4.37
C ASP A 250 7.63 -0.08 -5.40
N ASP A 251 6.52 -0.66 -4.96
CA ASP A 251 5.73 -1.56 -5.84
C ASP A 251 5.28 -0.92 -7.15
N HIS A 252 5.00 0.39 -7.10
CA HIS A 252 4.55 1.12 -8.29
C HIS A 252 5.59 1.17 -9.41
N LEU A 253 6.87 1.11 -9.07
CA LEU A 253 7.93 1.08 -10.10
C LEU A 253 7.71 -0.15 -10.99
N PHE A 254 7.51 -1.29 -10.35
CA PHE A 254 7.35 -2.54 -11.06
C PHE A 254 6.02 -2.61 -11.79
N ILE A 255 4.98 -2.05 -11.18
CA ILE A 255 3.66 -1.98 -11.82
C ILE A 255 3.75 -1.14 -13.09
N ASN A 256 4.36 0.04 -12.98
CA ASN A 256 4.58 0.88 -14.18
C ASN A 256 5.42 0.18 -15.25
N ARG A 257 6.51 -0.47 -14.83
CA ARG A 257 7.45 -1.06 -15.80
C ARG A 257 6.90 -2.32 -16.47
N LEU A 258 6.27 -3.19 -15.68
CA LEU A 258 5.85 -4.51 -16.14
C LEU A 258 4.40 -4.59 -16.59
N ALA A 259 3.47 -4.09 -15.77
CA ALA A 259 2.04 -4.10 -16.12
C ALA A 259 1.67 -2.93 -17.03
N ARG A 260 2.48 -1.87 -17.01
CA ARG A 260 2.24 -0.68 -17.84
C ARG A 260 0.95 0.03 -17.47
N ILE A 261 0.60 -0.01 -16.17
CA ILE A 261 -0.51 0.75 -15.62
C ILE A 261 0.11 1.97 -14.96
N LYS A 262 -0.34 3.17 -15.34
CA LYS A 262 0.21 4.41 -14.80
C LYS A 262 -0.17 4.49 -13.34
N THR A 263 0.80 4.30 -12.46
CA THR A 263 0.56 4.12 -11.03
C THR A 263 1.45 5.10 -10.26
N ILE A 264 0.84 5.79 -9.32
CA ILE A 264 1.60 6.69 -8.44
C ILE A 264 1.69 6.11 -7.05
N ASP A 265 2.62 6.63 -6.27
CA ASP A 265 2.88 6.21 -4.89
C ASP A 265 2.56 7.40 -3.98
N ILE A 266 1.73 7.15 -2.97
CA ILE A 266 1.46 8.07 -1.88
C ILE A 266 2.30 7.55 -0.73
N ILE A 267 3.38 8.26 -0.45
CA ILE A 267 4.41 7.83 0.50
C ILE A 267 4.98 9.08 1.17
N PRO A 268 5.22 9.03 2.50
CA PRO A 268 5.63 10.28 3.16
C PRO A 268 7.02 10.74 2.81
N ASN A 269 7.24 12.05 2.92
CA ASN A 269 8.56 12.61 2.74
C ASN A 269 8.76 13.61 3.86
N ASP A 270 9.77 13.37 4.69
CA ASP A 270 10.18 14.30 5.72
C ASP A 270 11.52 14.89 5.29
N PRO A 271 11.69 16.24 5.40
CA PRO A 271 13.00 16.83 5.00
C PRO A 271 14.24 16.33 5.76
N GLU A 272 14.06 15.86 6.99
CA GLU A 272 15.17 15.40 7.84
C GLU A 272 15.44 13.88 7.73
N THR A 273 14.39 13.07 7.84
CA THR A 273 14.54 11.60 7.84
C THR A 273 14.19 10.94 6.51
N GLY A 274 13.58 11.67 5.57
CA GLY A 274 13.05 11.07 4.35
C GLY A 274 11.79 10.32 4.70
N PHE A 275 11.93 9.07 5.12
CA PHE A 275 10.78 8.31 5.60
C PHE A 275 10.50 8.67 7.05
N PRO A 276 9.34 8.25 7.59
CA PRO A 276 9.12 8.47 9.02
C PRO A 276 10.24 7.86 9.85
N PRO A 277 10.54 8.45 11.02
CA PRO A 277 11.66 7.97 11.82
C PRO A 277 11.48 6.54 12.36
N THR A 278 10.26 6.01 12.33
CA THR A 278 9.98 4.64 12.74
C THR A 278 10.39 3.59 11.68
N TRP A 279 10.67 4.03 10.45
CA TRP A 279 10.89 3.13 9.32
C TRP A 279 11.99 2.08 9.57
N HIS A 280 11.62 0.81 9.47
CA HIS A 280 12.52 -0.34 9.67
C HIS A 280 13.24 -0.33 11.04
N THR A 281 12.51 0.14 12.05
CA THR A 281 12.92 0.12 13.45
C THR A 281 11.89 -0.67 14.22
N ILE A 282 12.22 -1.04 15.46
CA ILE A 282 11.26 -1.71 16.34
C ILE A 282 10.16 -0.77 16.85
N HIS A 283 10.22 0.52 16.49
CA HIS A 283 9.21 1.50 16.87
C HIS A 283 8.09 1.69 15.86
N ASP A 284 8.01 0.88 14.79
CA ASP A 284 6.92 0.99 13.85
C ASP A 284 5.71 0.24 14.39
N ASN A 285 5.04 0.88 15.35
CA ASN A 285 3.94 0.27 16.07
C ASN A 285 2.80 1.29 16.17
N MET A 286 1.72 0.95 16.88
CA MET A 286 0.53 1.82 16.89
C MET A 286 0.75 3.16 17.62
N ASP A 287 1.78 3.27 18.45
CA ASP A 287 2.07 4.52 19.15
C ASP A 287 2.27 5.70 18.21
N HIS A 288 2.74 5.46 16.98
CA HIS A 288 3.04 6.50 16.03
C HIS A 288 2.07 6.61 14.86
N ILE A 289 0.93 5.91 14.97
CA ILE A 289 -0.13 6.00 13.98
C ILE A 289 -1.14 7.02 14.43
N ASP A 290 -1.51 7.93 13.55
CA ASP A 290 -2.52 8.95 13.82
C ASP A 290 -3.66 8.76 12.84
N LYS A 291 -4.87 8.56 13.35
CA LYS A 291 -6.01 8.37 12.47
C LYS A 291 -6.26 9.57 11.54
N ASN A 292 -5.83 10.77 11.94
CA ASN A 292 -5.95 11.95 11.08
C ASN A 292 -5.11 11.84 9.80
N THR A 293 -3.96 11.16 9.88
CA THR A 293 -3.17 10.92 8.66
C THR A 293 -3.88 9.95 7.73
N LEU A 294 -4.41 8.87 8.31
CA LEU A 294 -5.22 7.93 7.55
C LEU A 294 -6.38 8.63 6.86
N LYS A 295 -7.04 9.52 7.59
CA LYS A 295 -8.16 10.33 7.08
C LYS A 295 -7.75 11.17 5.87
N ALA A 296 -6.61 11.87 5.97
CA ALA A 296 -6.18 12.76 4.89
C ALA A 296 -5.90 11.98 3.61
N VAL A 297 -5.23 10.84 3.76
CA VAL A 297 -4.95 9.99 2.62
C VAL A 297 -6.23 9.34 2.08
N GLY A 298 -7.02 8.75 2.96
CA GLY A 298 -8.22 8.01 2.54
C GLY A 298 -9.27 8.87 1.86
N GLN A 299 -9.50 10.06 2.41
CA GLN A 299 -10.46 10.98 1.83
C GLN A 299 -10.00 11.48 0.47
N THR A 300 -8.69 11.70 0.32
CA THR A 300 -8.13 12.10 -0.96
C THR A 300 -8.36 11.02 -2.00
N VAL A 301 -8.11 9.77 -1.64
CA VAL A 301 -8.33 8.65 -2.54
C VAL A 301 -9.81 8.56 -2.94
N LEU A 302 -10.72 8.69 -1.96
CA LEU A 302 -12.16 8.75 -2.27
C LEU A 302 -12.49 9.88 -3.23
N GLU A 303 -11.98 11.07 -2.97
CA GLU A 303 -12.20 12.23 -3.85
C GLU A 303 -11.79 11.92 -5.28
N VAL A 304 -10.64 11.26 -5.44
CA VAL A 304 -10.16 10.88 -6.76
C VAL A 304 -11.07 9.85 -7.42
N ILE A 305 -11.33 8.74 -6.75
CA ILE A 305 -12.03 7.66 -7.46
C ILE A 305 -13.49 8.01 -7.77
N TYR A 306 -14.13 8.83 -6.92
CA TYR A 306 -15.53 9.19 -7.13
C TYR A 306 -15.72 10.29 -8.16
N ASN A 307 -14.66 11.05 -8.45
CA ASN A 307 -14.73 12.05 -9.52
C ASN A 307 -14.25 11.55 -10.89
N GLU A 308 -13.81 10.29 -10.99
CA GLU A 308 -13.52 9.69 -12.29
C GLU A 308 -14.81 9.28 -12.99
N LYS A 309 -14.95 9.68 -14.26
CA LYS A 309 -16.15 9.35 -15.03
C LYS A 309 -15.86 8.38 -16.16
ZN ZN B . 9.46 -1.43 4.72
C1 1BN C . 8.44 0.92 1.52
C2 1BN C . 8.25 0.28 2.68
N1 1BN C . 9.71 0.71 1.19
C3 1BN C . 10.30 -0.05 2.11
N2 1BN C . 9.39 -0.32 3.03
C4 1BN C . 10.29 1.27 -0.06
C5 1BN C . 11.81 1.06 -0.19
C6 1BN C . 12.68 2.13 0.00
C7 1BN C . 12.32 -0.20 -0.49
C8 1BN C . 14.06 1.94 -0.10
C9 1BN C . 13.69 -0.40 -0.60
C10 1BN C . 14.56 0.67 -0.41
#